data_4DQA
#
_entry.id   4DQA
#
_cell.length_a   94.131
_cell.length_b   94.131
_cell.length_c   156.273
_cell.angle_alpha   90.000
_cell.angle_beta   90.000
_cell.angle_gamma   120.000
#
_symmetry.space_group_name_H-M   'P 61 2 2'
#
loop_
_entity.id
_entity.type
_entity.pdbx_description
1 polymer 'uncharacterized protein'
2 water water
#
_entity_poly.entity_id   1
_entity_poly.type   'polypeptide(L)'
_entity_poly.pdbx_seq_one_letter_code
;GNDLLEPKVYFESKEYNFSVEDE(MSE)DV(MSE)TFDLVSRLSSATSSQVDVSYSVAEPSVVDEYNAKYGTNYE(MSE)
LDVSQVKLSSTTSSISSGKLYADNIEVELSGLEALKAGNSYVLP(MSE)RVHSSSVSTLSGTNIAYFFFSKPLKITKAGN
FSNHYISVKFPVGTFFSSFTYEALINVDYFLDNNTI(MSE)GTEGV(MSE)ILRIGDAGGGITPKDYLEVAGGQNYRVTK
PLLTNRWYHVALTYDQPTGKTGIYVNGEKWAGSDWGIDGFDPNSD(MSE)GFYIGRIYGFKWGERPFHGK(MSE)SEVRV
WSVARTENQLKQN(MSE)LGVDPASEGLALYYKLDGSETQEGGVIKDATGRINGTTNGITIKTLDAPIAIN
;
_entity_poly.pdbx_strand_id   A
#
# COMPACT_ATOMS: atom_id res chain seq x y z
N PRO A 7 -3.51 45.97 -14.01
CA PRO A 7 -2.89 44.97 -13.13
C PRO A 7 -3.83 43.84 -12.75
N LYS A 8 -3.24 42.71 -12.37
CA LYS A 8 -4.00 41.49 -12.13
C LYS A 8 -3.64 40.89 -10.79
N VAL A 9 -4.57 40.11 -10.25
CA VAL A 9 -4.35 39.38 -8.99
C VAL A 9 -3.95 37.94 -9.31
N TYR A 10 -2.98 37.42 -8.56
CA TYR A 10 -2.50 36.07 -8.78
C TYR A 10 -1.82 35.55 -7.53
N PHE A 11 -1.42 34.29 -7.58
CA PHE A 11 -0.63 33.68 -6.51
C PHE A 11 0.86 33.61 -6.85
N GLU A 12 1.69 34.13 -5.96
CA GLU A 12 3.14 34.29 -6.20
C GLU A 12 3.83 32.94 -6.20
N SER A 13 3.43 32.10 -5.25
CA SER A 13 3.97 30.74 -5.17
C SER A 13 2.84 29.78 -5.49
N LYS A 14 3.10 28.93 -6.48
CA LYS A 14 2.08 28.02 -6.99
C LYS A 14 1.79 26.88 -6.01
N GLU A 15 2.81 26.38 -5.31
CA GLU A 15 2.72 25.11 -4.57
C GLU A 15 3.35 25.12 -3.18
N TYR A 16 2.67 24.45 -2.23
CA TYR A 16 3.18 24.26 -0.87
C TYR A 16 2.98 22.83 -0.41
N ASN A 17 3.92 22.30 0.36
CA ASN A 17 3.89 20.92 0.82
C ASN A 17 3.85 20.84 2.35
N PHE A 18 2.93 20.03 2.85
CA PHE A 18 2.75 19.83 4.29
C PHE A 18 2.73 18.35 4.60
N SER A 19 3.14 17.99 5.81
CA SER A 19 3.14 16.60 6.24
C SER A 19 2.06 16.46 7.30
N VAL A 20 1.23 15.42 7.19
CA VAL A 20 0.23 15.14 8.20
C VAL A 20 0.84 14.18 9.22
N GLU A 21 1.24 14.72 10.36
CA GLU A 21 1.90 13.92 11.39
C GLU A 21 0.89 12.98 12.02
N ASP A 22 1.39 11.95 12.70
CA ASP A 22 0.52 11.01 13.38
C ASP A 22 -0.33 11.78 14.39
N GLU A 23 -1.60 11.36 14.52
CA GLU A 23 -2.49 11.91 15.54
C GLU A 23 -2.92 13.35 15.27
N MSE A 24 -2.36 13.95 14.22
CA MSE A 24 -2.76 15.30 13.86
C MSE A 24 -4.10 15.28 13.16
O MSE A 24 -4.29 14.55 12.17
CB MSE A 24 -1.74 15.91 12.90
CG MSE A 24 -2.34 16.99 12.02
SE MSE A 24 -1.14 17.47 10.57
CE MSE A 24 0.10 18.51 11.57
H MSE A 24 -1.77 13.60 13.71
HA MSE A 24 -2.81 15.86 14.66
HB2 MSE A 24 -1.03 16.30 13.41
HB3 MSE A 24 -1.40 15.20 12.32
HG2 MSE A 24 -3.17 16.67 11.63
HG3 MSE A 24 -2.51 17.79 12.55
HE1 MSE A 24 0.49 17.97 12.26
HE2 MSE A 24 0.79 18.83 10.98
HE3 MSE A 24 -0.35 19.26 11.97
N ASP A 25 -5.02 16.12 13.62
CA ASP A 25 -6.37 16.19 13.05
C ASP A 25 -6.70 17.55 12.42
N VAL A 26 -6.05 18.60 12.90
CA VAL A 26 -6.36 19.97 12.48
C VAL A 26 -5.07 20.74 12.24
N MSE A 27 -4.99 21.50 11.14
CA MSE A 27 -3.88 22.40 10.97
C MSE A 27 -4.33 23.68 10.27
O MSE A 27 -5.37 23.68 9.61
CB MSE A 27 -2.74 21.75 10.20
CG MSE A 27 -3.05 21.49 8.76
SE MSE A 27 -1.41 21.17 7.76
CE MSE A 27 -0.61 22.95 7.92
H MSE A 27 -5.57 21.50 10.51
HA MSE A 27 -3.52 22.65 11.85
HB2 MSE A 27 -1.95 22.32 10.23
HB3 MSE A 27 -2.54 20.90 10.61
HG2 MSE A 27 -3.61 20.70 8.68
HG3 MSE A 27 -3.49 22.26 8.38
HE1 MSE A 27 0.23 22.95 7.46
HE2 MSE A 27 -1.20 23.59 7.52
HE3 MSE A 27 -0.48 23.14 8.84
N THR A 28 -3.55 24.74 10.42
CA THR A 28 -3.87 26.00 9.78
C THR A 28 -2.71 26.44 8.92
N PHE A 29 -3.03 27.11 7.82
CA PHE A 29 -2.01 27.75 7.00
C PHE A 29 -2.52 29.07 6.43
N ASP A 30 -1.57 29.88 5.94
CA ASP A 30 -1.83 31.22 5.46
C ASP A 30 -2.11 31.18 3.98
N LEU A 31 -3.08 31.97 3.56
CA LEU A 31 -3.44 32.11 2.16
C LEU A 31 -3.33 33.58 1.78
N VAL A 32 -2.46 33.87 0.82
CA VAL A 32 -2.18 35.23 0.37
C VAL A 32 -2.06 35.27 -1.16
N SER A 33 -2.77 36.21 -1.77
CA SER A 33 -2.62 36.51 -3.17
C SER A 33 -1.95 37.86 -3.31
N ARG A 34 -1.58 38.22 -4.54
CA ARG A 34 -0.93 39.52 -4.78
C ARG A 34 -1.30 40.15 -6.11
N LEU A 35 -0.90 41.41 -6.26
CA LEU A 35 -1.03 42.15 -7.50
C LEU A 35 0.24 42.05 -8.35
N SER A 36 0.08 42.17 -9.66
CA SER A 36 1.22 42.16 -10.56
C SER A 36 2.04 43.44 -10.37
N SER A 37 1.34 44.54 -10.11
CA SER A 37 1.96 45.81 -9.77
C SER A 37 0.99 46.60 -8.89
N ALA A 38 1.52 47.52 -8.08
CA ALA A 38 0.68 48.25 -7.14
C ALA A 38 -0.22 49.25 -7.86
N THR A 39 -1.29 49.64 -7.20
CA THR A 39 -2.25 50.55 -7.77
C THR A 39 -2.73 51.54 -6.71
N SER A 40 -3.54 52.51 -7.11
CA SER A 40 -3.85 53.66 -6.26
C SER A 40 -5.12 53.49 -5.42
N SER A 41 -5.81 52.38 -5.60
CA SER A 41 -7.00 52.10 -4.81
C SER A 41 -6.94 50.69 -4.24
N GLN A 42 -7.73 50.45 -3.20
CA GLN A 42 -7.84 49.13 -2.62
C GLN A 42 -8.37 48.17 -3.67
N VAL A 43 -7.76 46.98 -3.73
CA VAL A 43 -8.21 45.92 -4.59
C VAL A 43 -8.79 44.82 -3.73
N ASP A 44 -10.06 44.48 -3.98
CA ASP A 44 -10.73 43.48 -3.18
C ASP A 44 -10.62 42.10 -3.82
N VAL A 45 -10.43 41.10 -2.98
CA VAL A 45 -10.29 39.73 -3.46
C VAL A 45 -11.14 38.77 -2.64
N SER A 46 -11.33 37.58 -3.18
CA SER A 46 -11.98 36.54 -2.41
C SER A 46 -11.47 35.19 -2.87
N TYR A 47 -11.82 34.16 -2.12
CA TYR A 47 -11.29 32.84 -2.36
C TYR A 47 -12.34 31.77 -2.37
N SER A 48 -12.03 30.67 -3.04
CA SER A 48 -12.90 29.51 -3.02
C SER A 48 -12.06 28.26 -3.25
N VAL A 49 -12.61 27.11 -2.91
CA VAL A 49 -11.96 25.85 -3.27
C VAL A 49 -12.21 25.58 -4.72
N ALA A 50 -11.16 25.30 -5.47
CA ALA A 50 -11.30 25.08 -6.89
C ALA A 50 -12.02 23.76 -7.21
N GLU A 51 -12.50 23.65 -8.43
CA GLU A 51 -13.19 22.46 -8.89
C GLU A 51 -12.27 21.24 -8.84
N PRO A 52 -12.83 20.07 -8.48
CA PRO A 52 -11.99 18.86 -8.49
C PRO A 52 -11.32 18.60 -9.85
N SER A 53 -11.91 19.03 -10.96
CA SER A 53 -11.30 18.83 -12.29
C SER A 53 -9.94 19.53 -12.42
N VAL A 54 -9.71 20.57 -11.63
CA VAL A 54 -8.40 21.21 -11.56
C VAL A 54 -7.34 20.20 -11.09
N VAL A 55 -7.68 19.35 -10.13
CA VAL A 55 -6.76 18.31 -9.66
C VAL A 55 -6.58 17.23 -10.72
N ASP A 56 -7.65 16.90 -11.44
CA ASP A 56 -7.54 15.94 -12.52
C ASP A 56 -6.62 16.46 -13.63
N GLU A 57 -6.72 17.74 -13.97
CA GLU A 57 -5.81 18.29 -14.98
C GLU A 57 -4.36 18.25 -14.53
N TYR A 58 -4.14 18.54 -13.25
CA TYR A 58 -2.80 18.50 -12.70
C TYR A 58 -2.26 17.09 -12.76
N ASN A 59 -3.07 16.13 -12.32
CA ASN A 59 -2.60 14.74 -12.31
C ASN A 59 -2.34 14.25 -13.74
N ALA A 60 -3.15 14.69 -14.69
CA ALA A 60 -2.93 14.27 -16.08
C ALA A 60 -1.64 14.90 -16.66
N LYS A 61 -1.41 16.16 -16.36
CA LYS A 61 -0.25 16.90 -16.84
C LYS A 61 1.05 16.32 -16.31
N TYR A 62 1.03 15.91 -15.04
CA TYR A 62 2.24 15.46 -14.35
C TYR A 62 2.24 13.96 -14.01
N GLY A 63 1.16 13.24 -14.27
CA GLY A 63 1.12 11.80 -14.00
C GLY A 63 1.16 11.52 -12.51
N THR A 64 0.66 12.46 -11.72
CA THR A 64 0.64 12.34 -10.27
C THR A 64 -0.67 11.72 -9.86
N ASN A 65 -0.80 11.55 -8.55
CA ASN A 65 -1.93 10.78 -8.03
CA ASN A 65 -1.83 10.73 -7.95
C ASN A 65 -2.58 11.47 -6.84
N TYR A 66 -2.58 12.80 -6.87
CA TYR A 66 -3.17 13.53 -5.76
C TYR A 66 -4.69 13.36 -5.65
N GLU A 67 -5.14 13.18 -4.41
CA GLU A 67 -6.55 13.10 -4.07
CA GLU A 67 -6.57 13.13 -4.12
C GLU A 67 -7.04 14.44 -3.52
N MSE A 68 -8.18 14.90 -3.98
CA MSE A 68 -8.77 16.12 -3.50
C MSE A 68 -9.29 15.96 -2.07
O MSE A 68 -9.91 14.97 -1.73
CB MSE A 68 -9.91 16.44 -4.45
CG MSE A 68 -10.71 17.59 -4.07
SE MSE A 68 -10.14 19.15 -5.05
CE MSE A 68 -11.41 20.21 -4.29
H MSE A 68 -8.65 14.51 -4.60
HA MSE A 68 -8.12 16.84 -3.54
HB2 MSE A 68 -9.54 16.61 -5.33
HB3 MSE A 68 -10.50 15.67 -4.50
HG2 MSE A 68 -11.64 17.42 -4.29
HG3 MSE A 68 -10.60 17.77 -3.13
HE1 MSE A 68 -11.33 21.09 -4.65
HE2 MSE A 68 -12.28 19.85 -4.51
HE3 MSE A 68 -11.28 20.21 -3.35
N LEU A 69 -9.01 16.93 -1.23
CA LEU A 69 -9.59 16.96 0.11
C LEU A 69 -11.07 17.34 -0.02
N ASP A 70 -11.87 16.92 0.95
CA ASP A 70 -13.28 17.32 1.01
C ASP A 70 -13.45 18.76 1.51
N VAL A 71 -14.26 19.53 0.81
CA VAL A 71 -14.51 20.91 1.13
C VAL A 71 -15.09 21.06 2.52
N SER A 72 -15.76 20.01 3.00
CA SER A 72 -16.37 20.07 4.32
C SER A 72 -15.33 20.17 5.41
N GLN A 73 -14.09 19.82 5.10
CA GLN A 73 -13.04 19.87 6.13
C GLN A 73 -12.20 21.16 6.01
N VAL A 74 -12.66 22.10 5.19
CA VAL A 74 -11.96 23.36 4.98
C VAL A 74 -12.78 24.54 5.52
N LYS A 75 -12.14 25.34 6.37
CA LYS A 75 -12.76 26.57 6.87
CA LYS A 75 -12.75 26.56 6.90
C LYS A 75 -11.82 27.75 6.66
N LEU A 76 -12.34 28.85 6.15
CA LEU A 76 -11.55 30.04 5.93
C LEU A 76 -11.91 31.03 7.02
N SER A 77 -10.94 31.78 7.51
CA SER A 77 -11.26 32.78 8.53
C SER A 77 -12.23 33.82 7.97
N SER A 78 -12.03 34.15 6.70
CA SER A 78 -13.03 34.87 5.92
CA SER A 78 -12.92 35.01 5.90
C SER A 78 -12.81 34.51 4.45
N THR A 79 -13.87 34.66 3.67
CA THR A 79 -13.84 34.34 2.26
CA THR A 79 -13.76 34.32 2.27
C THR A 79 -13.22 35.50 1.48
N THR A 80 -13.35 36.70 2.00
CA THR A 80 -12.84 37.89 1.34
C THR A 80 -11.63 38.50 2.03
N SER A 81 -10.82 39.18 1.24
CA SER A 81 -9.73 40.00 1.75
C SER A 81 -9.51 41.18 0.83
N SER A 82 -8.41 41.90 1.02
CA SER A 82 -8.11 43.05 0.19
C SER A 82 -6.63 43.33 0.16
N ILE A 83 -6.21 44.06 -0.87
CA ILE A 83 -4.83 44.51 -1.01
C ILE A 83 -4.89 46.01 -0.87
N SER A 84 -4.26 46.52 0.18
CA SER A 84 -4.29 47.95 0.46
C SER A 84 -3.64 48.77 -0.64
N SER A 85 -4.12 49.99 -0.85
CA SER A 85 -3.55 50.86 -1.87
CA SER A 85 -3.56 50.87 -1.86
C SER A 85 -2.05 50.99 -1.69
N GLY A 86 -1.31 50.85 -2.78
CA GLY A 86 0.14 50.96 -2.75
C GLY A 86 0.88 49.69 -2.37
N LYS A 87 0.15 48.63 -1.99
CA LYS A 87 0.79 47.38 -1.59
C LYS A 87 0.65 46.32 -2.66
N LEU A 88 1.37 45.22 -2.51
CA LEU A 88 1.27 44.12 -3.47
C LEU A 88 0.49 42.93 -2.91
N TYR A 89 0.68 42.63 -1.63
CA TYR A 89 0.14 41.40 -1.04
C TYR A 89 -1.13 41.63 -0.26
N ALA A 90 -2.07 40.71 -0.44
CA ALA A 90 -3.33 40.80 0.24
C ALA A 90 -3.17 40.54 1.71
N ASP A 91 -4.06 41.13 2.50
CA ASP A 91 -4.12 40.77 3.91
C ASP A 91 -4.38 39.29 4.03
N ASN A 92 -3.68 38.67 4.97
CA ASN A 92 -3.73 37.24 5.13
C ASN A 92 -5.10 36.70 5.52
N ILE A 93 -5.42 35.55 4.98
CA ILE A 93 -6.55 34.75 5.38
C ILE A 93 -6.01 33.46 5.97
N GLU A 94 -6.64 32.94 7.03
CA GLU A 94 -6.20 31.67 7.62
C GLU A 94 -7.13 30.56 7.14
N VAL A 95 -6.54 29.48 6.64
CA VAL A 95 -7.27 28.30 6.23
C VAL A 95 -7.10 27.24 7.30
N GLU A 96 -8.21 26.69 7.76
CA GLU A 96 -8.18 25.62 8.74
C GLU A 96 -8.65 24.34 8.11
N LEU A 97 -7.80 23.32 8.21
CA LEU A 97 -8.10 22.01 7.65
CA LEU A 97 -8.10 22.00 7.66
C LEU A 97 -8.33 21.04 8.79
N SER A 98 -9.49 20.38 8.79
CA SER A 98 -9.82 19.42 9.83
CA SER A 98 -9.85 19.43 9.83
C SER A 98 -10.00 18.02 9.26
N GLY A 99 -10.28 17.07 10.14
CA GLY A 99 -10.49 15.68 9.74
C GLY A 99 -9.27 15.01 9.15
N LEU A 100 -8.09 15.49 9.51
CA LEU A 100 -6.85 14.94 8.94
C LEU A 100 -6.55 13.55 9.48
N GLU A 101 -6.89 13.31 10.74
CA GLU A 101 -6.61 12.01 11.35
C GLU A 101 -7.32 10.90 10.59
N ALA A 102 -8.49 11.20 10.04
CA ALA A 102 -9.30 10.19 9.36
C ALA A 102 -8.83 9.90 7.93
N LEU A 103 -8.02 10.80 7.36
CA LEU A 103 -7.52 10.60 6.01
C LEU A 103 -6.75 9.29 5.96
N LYS A 104 -6.95 8.56 4.88
CA LYS A 104 -6.26 7.31 4.66
CA LYS A 104 -6.25 7.30 4.68
C LYS A 104 -4.78 7.57 4.43
N ALA A 105 -3.93 6.83 5.13
CA ALA A 105 -2.49 6.93 4.95
C ALA A 105 -2.10 6.25 3.64
N GLY A 106 -0.99 6.69 3.05
CA GLY A 106 -0.50 6.08 1.83
C GLY A 106 -1.10 6.77 0.62
N ASN A 107 -1.62 7.96 0.83
CA ASN A 107 -2.13 8.77 -0.25
C ASN A 107 -1.58 10.16 -0.09
N SER A 108 -1.53 10.87 -1.19
CA SER A 108 -1.15 12.27 -1.14
CA SER A 108 -1.13 12.26 -1.22
C SER A 108 -2.37 13.08 -1.54
N TYR A 109 -2.59 14.17 -0.81
CA TYR A 109 -3.81 14.95 -0.95
C TYR A 109 -3.50 16.36 -1.38
N VAL A 110 -4.48 17.02 -1.96
CA VAL A 110 -4.29 18.40 -2.39
C VAL A 110 -5.54 19.21 -2.11
N LEU A 111 -5.31 20.47 -1.76
CA LEU A 111 -6.36 21.45 -1.65
C LEU A 111 -6.00 22.58 -2.61
N PRO A 112 -6.75 22.73 -3.70
CA PRO A 112 -6.49 23.81 -4.65
C PRO A 112 -7.37 24.99 -4.32
N MSE A 113 -6.78 26.15 -4.07
CA MSE A 113 -7.55 27.35 -3.77
C MSE A 113 -7.51 28.33 -4.93
O MSE A 113 -6.45 28.65 -5.44
CB MSE A 113 -6.96 28.04 -2.54
CG MSE A 113 -6.90 27.20 -1.28
SE MSE A 113 -8.68 26.75 -0.64
CE MSE A 113 -9.55 28.41 -0.79
H MSE A 113 -5.93 26.27 -4.08
HA MSE A 113 -8.48 27.10 -3.57
HB2 MSE A 113 -6.06 28.32 -2.76
HB3 MSE A 113 -7.50 28.83 -2.34
HG2 MSE A 113 -6.43 26.37 -1.46
HG3 MSE A 113 -6.44 27.69 -0.58
HE1 MSE A 113 -10.46 28.32 -0.51
HE2 MSE A 113 -9.09 29.05 -0.25
HE3 MSE A 113 -9.52 28.70 -1.70
N ARG A 114 -8.68 28.83 -5.31
CA ARG A 114 -8.81 29.81 -6.36
C ARG A 114 -8.94 31.18 -5.76
N VAL A 115 -8.32 32.17 -6.40
CA VAL A 115 -8.54 33.56 -6.05
C VAL A 115 -9.42 34.22 -7.10
N HIS A 116 -10.27 35.14 -6.65
CA HIS A 116 -11.19 35.91 -7.45
C HIS A 116 -11.01 37.39 -7.06
N SER A 117 -11.47 38.31 -7.91
CA SER A 117 -11.47 39.70 -7.53
C SER A 117 -12.68 40.41 -8.11
N SER A 118 -13.31 41.23 -7.30
CA SER A 118 -14.40 42.08 -7.78
C SER A 118 -13.87 43.41 -8.29
N SER A 119 -12.57 43.65 -8.18
CA SER A 119 -11.95 44.92 -8.53
C SER A 119 -11.21 44.85 -9.86
N VAL A 120 -10.43 43.80 -10.04
CA VAL A 120 -9.61 43.63 -11.22
C VAL A 120 -9.70 42.19 -11.72
N SER A 121 -8.98 41.90 -12.80
CA SER A 121 -8.92 40.54 -13.35
C SER A 121 -7.91 39.67 -12.64
N THR A 122 -8.11 38.36 -12.67
CA THR A 122 -7.07 37.46 -12.23
C THR A 122 -6.37 36.86 -13.45
N LEU A 123 -5.17 36.32 -13.22
CA LEU A 123 -4.37 35.77 -14.31
C LEU A 123 -4.60 34.27 -14.48
N SER A 124 -5.25 33.88 -15.58
CA SER A 124 -5.50 32.46 -15.82
C SER A 124 -4.18 31.70 -15.81
N GLY A 125 -4.20 30.50 -15.23
CA GLY A 125 -2.98 29.71 -15.09
C GLY A 125 -2.14 30.09 -13.88
N THR A 126 -2.51 31.16 -13.19
CA THR A 126 -1.75 31.63 -12.04
CA THR A 126 -1.76 31.49 -11.98
C THR A 126 -2.71 32.03 -10.91
N ASN A 127 -3.96 31.64 -11.01
CA ASN A 127 -4.95 32.03 -10.00
C ASN A 127 -5.40 30.88 -9.11
N ILE A 128 -4.62 29.80 -9.12
CA ILE A 128 -4.85 28.68 -8.22
CA ILE A 128 -4.84 28.66 -8.24
C ILE A 128 -3.57 28.41 -7.44
N ALA A 129 -3.71 28.27 -6.13
CA ALA A 129 -2.63 27.91 -5.23
C ALA A 129 -2.87 26.46 -4.83
N TYR A 130 -1.82 25.63 -4.89
CA TYR A 130 -1.95 24.21 -4.59
C TYR A 130 -1.26 23.88 -3.28
N PHE A 131 -2.01 23.32 -2.35
CA PHE A 131 -1.46 22.92 -1.07
C PHE A 131 -1.52 21.40 -1.00
N PHE A 132 -0.36 20.79 -0.82
CA PHE A 132 -0.24 19.34 -0.87
C PHE A 132 -0.01 18.80 0.54
N PHE A 133 -0.63 17.66 0.82
CA PHE A 133 -0.55 17.05 2.13
C PHE A 133 -0.20 15.58 1.95
N SER A 134 0.90 15.16 2.56
CA SER A 134 1.29 13.78 2.46
C SER A 134 0.93 13.08 3.77
N LYS A 135 0.42 11.86 3.66
CA LYS A 135 0.14 11.10 4.87
C LYS A 135 0.74 9.72 4.70
N PRO A 136 1.88 9.50 5.37
CA PRO A 136 2.71 8.32 5.15
C PRO A 136 2.10 7.02 5.68
N LEU A 137 2.14 6.00 4.84
CA LEU A 137 1.71 4.66 5.24
C LEU A 137 2.91 3.93 5.81
N LYS A 138 2.74 3.36 7.01
CA LYS A 138 3.80 2.59 7.64
C LYS A 138 3.21 1.32 8.18
N ILE A 139 4.03 0.28 8.26
CA ILE A 139 3.62 -0.95 8.92
C ILE A 139 4.50 -1.09 10.17
N THR A 140 3.86 -1.16 11.33
CA THR A 140 4.57 -1.20 12.61
C THR A 140 4.30 -2.45 13.43
N LYS A 141 3.51 -3.38 12.91
CA LYS A 141 3.16 -4.63 13.57
C LYS A 141 3.19 -5.73 12.53
N ALA A 142 3.52 -6.95 12.97
CA ALA A 142 3.54 -8.10 12.08
C ALA A 142 3.27 -9.38 12.83
N GLY A 143 2.96 -10.46 12.10
CA GLY A 143 2.60 -11.70 12.74
C GLY A 143 3.78 -12.62 12.97
N ASN A 144 3.85 -13.19 14.18
CA ASN A 144 4.94 -14.07 14.55
C ASN A 144 4.71 -15.52 14.16
N PHE A 145 5.74 -16.16 13.64
CA PHE A 145 5.72 -17.58 13.32
C PHE A 145 6.91 -18.21 13.99
N SER A 146 6.61 -19.14 14.89
N SER A 146 6.69 -19.28 14.75
CA SER A 146 7.56 -19.97 15.56
CA SER A 146 7.78 -20.14 15.22
C SER A 146 6.86 -21.29 15.83
C SER A 146 7.43 -21.61 15.05
N ASN A 147 6.66 -22.05 14.75
N ASN A 147 6.19 -21.96 15.37
CA ASN A 147 5.83 -23.26 14.76
CA ASN A 147 5.68 -23.26 15.02
C ASN A 147 4.34 -22.95 14.83
C ASN A 147 4.21 -23.08 14.75
N HIS A 148 3.93 -22.06 13.93
CA HIS A 148 2.55 -21.62 13.74
C HIS A 148 2.10 -21.80 12.32
N TYR A 149 0.83 -22.16 12.17
CA TYR A 149 0.23 -22.41 10.88
C TYR A 149 -1.06 -21.63 10.74
N ILE A 150 -1.41 -21.34 9.48
CA ILE A 150 -2.78 -21.03 9.11
C ILE A 150 -3.19 -21.99 8.02
N SER A 151 -4.22 -22.78 8.28
CA SER A 151 -4.80 -23.71 7.33
C SER A 151 -5.92 -22.97 6.59
N VAL A 152 -5.82 -22.89 5.27
CA VAL A 152 -6.79 -22.17 4.41
C VAL A 152 -7.52 -23.08 3.46
N LYS A 153 -8.83 -22.99 3.46
CA LYS A 153 -9.64 -23.69 2.50
C LYS A 153 -10.23 -22.65 1.57
N PHE A 154 -9.92 -22.73 0.28
CA PHE A 154 -10.50 -21.82 -0.69
C PHE A 154 -11.86 -22.32 -1.10
N PRO A 155 -12.71 -21.44 -1.66
CA PRO A 155 -14.04 -21.88 -2.08
C PRO A 155 -13.98 -23.13 -2.94
N VAL A 156 -15.03 -23.95 -2.86
CA VAL A 156 -15.10 -25.18 -3.62
C VAL A 156 -14.90 -24.95 -5.10
N GLY A 157 -14.11 -25.83 -5.70
CA GLY A 157 -13.83 -25.76 -7.11
C GLY A 157 -12.89 -24.65 -7.48
N THR A 158 -12.24 -24.04 -6.48
CA THR A 158 -11.23 -23.07 -6.82
C THR A 158 -10.18 -23.81 -7.61
N PHE A 159 -9.84 -23.21 -8.73
CA PHE A 159 -8.76 -23.70 -9.54
C PHE A 159 -8.05 -22.47 -9.99
N PHE A 160 -6.85 -22.27 -9.48
CA PHE A 160 -6.08 -21.13 -9.87
C PHE A 160 -5.40 -21.46 -11.19
N SER A 161 -5.70 -20.69 -12.22
CA SER A 161 -4.97 -20.81 -13.46
C SER A 161 -3.83 -19.84 -13.41
N SER A 162 -4.12 -18.56 -13.56
CA SER A 162 -3.13 -17.54 -13.24
C SER A 162 -3.26 -17.19 -11.76
N PHE A 163 -2.14 -16.93 -11.11
CA PHE A 163 -2.22 -16.63 -9.69
C PHE A 163 -0.97 -15.91 -9.21
N THR A 164 -1.09 -15.41 -7.99
CA THR A 164 0.01 -14.75 -7.29
C THR A 164 -0.02 -15.12 -5.82
N TYR A 165 1.15 -15.43 -5.28
CA TYR A 165 1.36 -15.48 -3.84
C TYR A 165 2.27 -14.30 -3.54
N GLU A 166 2.00 -13.56 -2.48
CA GLU A 166 2.95 -12.51 -2.06
C GLU A 166 2.90 -12.31 -0.57
N ALA A 167 4.01 -11.83 -0.02
CA ALA A 167 4.09 -11.51 1.41
C ALA A 167 5.31 -10.65 1.67
N LEU A 168 5.23 -9.89 2.76
CA LEU A 168 6.43 -9.32 3.40
C LEU A 168 6.88 -10.34 4.43
N ILE A 169 8.17 -10.67 4.42
CA ILE A 169 8.74 -11.64 5.35
C ILE A 169 10.01 -11.12 5.97
N ASN A 170 10.28 -11.62 7.17
CA ASN A 170 11.48 -11.32 7.91
C ASN A 170 11.86 -12.57 8.66
N VAL A 171 12.95 -13.20 8.24
CA VAL A 171 13.33 -14.50 8.74
C VAL A 171 14.21 -14.40 10.00
N ASP A 172 13.82 -15.12 11.05
CA ASP A 172 14.64 -15.18 12.25
C ASP A 172 15.85 -16.10 12.06
N TYR A 173 15.59 -17.27 11.49
CA TYR A 173 16.63 -18.22 11.13
C TYR A 173 16.10 -19.20 10.11
N PHE A 174 17.03 -19.79 9.36
CA PHE A 174 16.71 -20.75 8.33
C PHE A 174 17.03 -22.15 8.80
N LEU A 175 16.02 -23.00 8.76
CA LEU A 175 16.24 -24.44 8.80
C LEU A 175 16.38 -24.94 7.36
N ASP A 176 16.41 -26.27 7.16
CA ASP A 176 16.68 -26.80 5.82
C ASP A 176 15.61 -26.40 4.80
N ASN A 177 14.36 -26.32 5.25
CA ASN A 177 13.22 -26.07 4.39
C ASN A 177 12.20 -25.30 5.24
N ASN A 178 11.87 -24.08 4.82
CA ASN A 178 11.09 -23.11 5.59
C ASN A 178 9.85 -22.72 4.78
N THR A 179 8.68 -23.14 5.22
CA THR A 179 7.45 -22.90 4.48
C THR A 179 7.03 -21.43 4.53
N ILE A 180 6.78 -20.82 3.37
CA ILE A 180 6.08 -19.53 3.36
C ILE A 180 4.60 -19.80 3.21
N MSE A 181 4.16 -20.23 2.05
CA MSE A 181 2.75 -20.55 1.86
CA MSE A 181 2.74 -20.44 1.80
C MSE A 181 2.51 -21.39 0.62
O MSE A 181 3.30 -21.37 -0.34
CB MSE A 181 1.91 -19.28 1.72
CB MSE A 181 2.07 -19.08 1.53
CG MSE A 181 1.87 -18.73 0.30
CG MSE A 181 2.82 -18.24 0.49
SE MSE A 181 0.90 -17.04 0.23
SE MSE A 181 2.41 -16.32 0.45
CE MSE A 181 2.30 -15.86 0.91
CE MSE A 181 0.52 -16.46 -0.02
H MSE A 181 4.65 -20.35 1.35
H MSE A 181 4.67 -20.41 1.37
HA MSE A 181 2.43 -21.04 2.64
HA MSE A 181 2.33 -20.83 2.61
HB2 MSE A 181 1.00 -19.48 1.99
HB2 MSE A 181 1.17 -19.24 1.19
HB3 MSE A 181 2.29 -18.59 2.29
HB3 MSE A 181 2.03 -18.58 2.36
HG2 MSE A 181 2.77 -18.58 0.00
HG2 MSE A 181 3.77 -18.32 0.67
HG3 MSE A 181 1.42 -19.36 -0.27
HG3 MSE A 181 2.63 -18.59 -0.39
HE1 MSE A 181 1.98 -14.96 0.94
HE1 MSE A 181 0.15 -15.58 -0.09
HE2 MSE A 181 2.55 -16.14 1.79
HE2 MSE A 181 0.45 -16.91 -0.86
HE3 MSE A 181 3.06 -15.91 0.32
HE3 MSE A 181 0.07 -16.96 0.67
N GLY A 182 1.42 -22.15 0.64
CA GLY A 182 1.00 -22.91 -0.51
C GLY A 182 0.53 -24.30 -0.18
N THR A 183 0.48 -25.14 -1.21
CA THR A 183 -0.06 -26.47 -1.12
C THR A 183 1.05 -27.44 -1.42
N GLU A 184 1.56 -28.09 -0.37
CA GLU A 184 2.67 -29.02 -0.51
C GLU A 184 2.38 -30.11 -1.51
N GLY A 185 3.36 -30.34 -2.40
CA GLY A 185 3.24 -31.36 -3.41
C GLY A 185 2.57 -30.84 -4.68
N VAL A 186 2.03 -29.62 -4.61
CA VAL A 186 1.26 -29.06 -5.71
C VAL A 186 1.77 -27.68 -6.16
N MSE A 187 1.78 -26.72 -5.24
CA MSE A 187 2.29 -25.37 -5.53
C MSE A 187 2.61 -24.67 -4.22
O MSE A 187 1.72 -24.11 -3.57
CB MSE A 187 1.28 -24.54 -6.33
CG MSE A 187 1.81 -23.22 -6.82
SE MSE A 187 3.13 -23.42 -8.19
CE MSE A 187 2.03 -24.30 -9.51
H MSE A 187 1.49 -26.82 -4.44
HA MSE A 187 3.11 -25.44 -6.06
HB2 MSE A 187 1.00 -25.06 -7.11
HB3 MSE A 187 0.51 -24.36 -5.76
HG2 MSE A 187 1.08 -22.70 -7.18
HG3 MSE A 187 2.22 -22.75 -6.07
HE1 MSE A 187 2.55 -24.48 -10.30
HE2 MSE A 187 1.70 -25.12 -9.14
HE3 MSE A 187 1.29 -23.73 -9.74
N ILE A 188 3.87 -24.71 -3.83
CA ILE A 188 4.27 -24.12 -2.55
C ILE A 188 5.49 -23.22 -2.72
N LEU A 189 5.46 -22.08 -2.05
CA LEU A 189 6.59 -21.16 -1.98
C LEU A 189 7.27 -21.34 -0.64
N ARG A 190 8.57 -21.65 -0.71
CA ARG A 190 9.35 -21.92 0.49
C ARG A 190 10.73 -21.31 0.35
N ILE A 191 11.49 -21.38 1.44
CA ILE A 191 12.91 -21.01 1.39
C ILE A 191 13.66 -22.25 1.81
N GLY A 192 14.46 -22.78 0.88
CA GLY A 192 15.29 -23.93 1.13
C GLY A 192 14.67 -25.30 0.91
N ASP A 193 15.51 -26.22 0.48
CA ASP A 193 15.19 -27.65 0.64
C ASP A 193 16.51 -28.40 0.83
N ALA A 194 17.27 -27.99 1.83
CA ALA A 194 18.67 -28.41 1.92
C ALA A 194 18.87 -29.89 2.19
N GLY A 195 17.85 -30.54 2.78
CA GLY A 195 17.88 -31.98 2.92
C GLY A 195 18.01 -32.72 1.61
N GLY A 196 17.55 -32.10 0.53
CA GLY A 196 17.63 -32.67 -0.81
C GLY A 196 18.96 -32.40 -1.50
N GLY A 197 19.79 -31.58 -0.88
CA GLY A 197 21.17 -31.38 -1.32
C GLY A 197 21.31 -30.55 -2.57
N ILE A 198 20.22 -29.92 -3.00
CA ILE A 198 20.24 -29.11 -4.21
C ILE A 198 19.96 -27.64 -3.89
N THR A 199 18.90 -27.39 -3.13
CA THR A 199 18.47 -26.02 -2.85
C THR A 199 18.95 -25.58 -1.46
N PRO A 200 19.88 -24.62 -1.40
CA PRO A 200 20.38 -24.14 -0.11
C PRO A 200 19.29 -23.61 0.78
N LYS A 201 19.52 -23.68 2.10
CA LYS A 201 18.51 -23.39 3.11
C LYS A 201 17.91 -21.99 3.03
N ASP A 202 18.68 -21.08 2.42
CA ASP A 202 18.30 -19.68 2.35
C ASP A 202 17.91 -19.20 0.95
N TYR A 203 17.60 -20.15 0.05
CA TYR A 203 17.22 -19.83 -1.34
C TYR A 203 15.72 -20.00 -1.53
N LEU A 204 15.06 -18.93 -1.95
CA LEU A 204 13.66 -18.99 -2.31
C LEU A 204 13.41 -19.94 -3.46
N GLU A 205 12.34 -20.70 -3.36
CA GLU A 205 12.03 -21.77 -4.28
C GLU A 205 10.55 -21.98 -4.38
N VAL A 206 10.08 -22.27 -5.59
CA VAL A 206 8.75 -22.80 -5.77
C VAL A 206 8.81 -24.29 -6.07
N ALA A 207 7.96 -25.06 -5.41
CA ALA A 207 7.97 -26.51 -5.53
C ALA A 207 6.56 -27.07 -5.65
N GLY A 208 6.46 -28.32 -6.05
CA GLY A 208 5.16 -28.96 -6.21
C GLY A 208 5.21 -29.92 -7.38
N GLY A 209 4.33 -29.70 -8.34
CA GLY A 209 4.37 -30.48 -9.57
C GLY A 209 5.58 -30.15 -10.44
N GLN A 210 6.13 -28.95 -10.25
CA GLN A 210 7.30 -28.49 -10.96
C GLN A 210 8.01 -27.48 -10.06
N ASN A 211 9.29 -27.22 -10.32
CA ASN A 211 10.06 -26.39 -9.40
C ASN A 211 11.11 -25.53 -10.07
N TYR A 212 11.44 -24.42 -9.42
CA TYR A 212 12.62 -23.65 -9.76
C TYR A 212 12.97 -22.75 -8.59
N ARG A 213 14.15 -22.15 -8.63
CA ARG A 213 14.65 -21.39 -7.51
C ARG A 213 15.48 -20.19 -7.93
N VAL A 214 15.69 -19.28 -6.98
CA VAL A 214 16.53 -18.13 -7.21
C VAL A 214 18.03 -18.46 -7.13
N THR A 215 18.88 -17.44 -7.29
CA THR A 215 20.31 -17.67 -7.38
C THR A 215 21.15 -16.85 -6.36
N LYS A 216 20.46 -16.24 -5.38
CA LYS A 216 21.11 -15.49 -4.30
CA LYS A 216 21.14 -15.55 -4.30
C LYS A 216 20.36 -15.81 -3.01
N PRO A 217 21.07 -15.80 -1.85
CA PRO A 217 20.39 -16.06 -0.57
C PRO A 217 19.66 -14.84 0.00
N LEU A 218 18.68 -15.11 0.86
CA LEU A 218 18.11 -14.09 1.72
C LEU A 218 18.88 -14.05 3.03
N LEU A 219 18.98 -12.86 3.61
CA LEU A 219 19.49 -12.67 4.95
C LEU A 219 18.39 -12.85 5.99
N THR A 220 18.83 -13.10 7.23
CA THR A 220 17.94 -13.03 8.38
C THR A 220 17.83 -11.58 8.84
N ASN A 221 16.79 -11.31 9.64
CA ASN A 221 16.63 -10.03 10.31
CA ASN A 221 16.62 -10.04 10.31
C ASN A 221 16.57 -8.88 9.31
N ARG A 222 15.89 -9.12 8.19
CA ARG A 222 15.72 -8.13 7.14
C ARG A 222 14.34 -8.36 6.52
N TRP A 223 13.58 -7.28 6.33
CA TRP A 223 12.32 -7.39 5.59
C TRP A 223 12.57 -7.50 4.09
N TYR A 224 11.86 -8.44 3.48
CA TYR A 224 11.80 -8.59 2.04
C TYR A 224 10.36 -8.70 1.59
N HIS A 225 10.04 -8.12 0.44
CA HIS A 225 8.80 -8.47 -0.21
C HIS A 225 9.06 -9.61 -1.18
N VAL A 226 8.29 -10.67 -1.09
CA VAL A 226 8.48 -11.83 -1.95
C VAL A 226 7.19 -12.14 -2.67
N ALA A 227 7.29 -12.55 -3.93
CA ALA A 227 6.11 -12.91 -4.72
C ALA A 227 6.41 -14.01 -5.72
N LEU A 228 5.40 -14.85 -5.96
CA LEU A 228 5.44 -15.85 -7.01
C LEU A 228 4.22 -15.57 -7.89
N THR A 229 4.44 -15.47 -9.20
CA THR A 229 3.34 -15.28 -10.14
C THR A 229 3.37 -16.37 -11.19
N TYR A 230 2.20 -16.72 -11.71
CA TYR A 230 2.12 -17.54 -12.92
C TYR A 230 1.04 -16.98 -13.80
N ASP A 231 1.40 -16.71 -15.04
CA ASP A 231 0.48 -16.24 -16.07
CA ASP A 231 0.45 -16.26 -16.04
C ASP A 231 0.19 -17.45 -16.96
N GLN A 232 -0.95 -18.06 -16.77
CA GLN A 232 -1.21 -19.32 -17.45
C GLN A 232 -1.24 -19.20 -19.00
N PRO A 233 -1.85 -18.13 -19.54
CA PRO A 233 -1.81 -18.05 -21.00
C PRO A 233 -0.41 -17.91 -21.59
N THR A 234 0.46 -17.12 -20.98
CA THR A 234 1.78 -16.94 -21.55
C THR A 234 2.69 -18.06 -21.12
N GLY A 235 2.32 -18.71 -20.01
CA GLY A 235 3.13 -19.77 -19.43
C GLY A 235 4.24 -19.27 -18.53
N LYS A 236 4.38 -17.95 -18.38
CA LYS A 236 5.50 -17.39 -17.64
C LYS A 236 5.23 -17.35 -16.16
N THR A 237 6.22 -17.80 -15.43
CA THR A 237 6.19 -17.71 -13.97
C THR A 237 7.44 -16.98 -13.50
N GLY A 238 7.29 -16.22 -12.41
CA GLY A 238 8.41 -15.50 -11.85
C GLY A 238 8.40 -15.50 -10.33
N ILE A 239 9.60 -15.42 -9.75
CA ILE A 239 9.76 -15.14 -8.33
C ILE A 239 10.40 -13.76 -8.24
N TYR A 240 9.79 -12.89 -7.44
CA TYR A 240 10.18 -11.51 -7.32
C TYR A 240 10.55 -11.20 -5.87
N VAL A 241 11.64 -10.46 -5.69
CA VAL A 241 12.10 -10.03 -4.38
C VAL A 241 12.23 -8.51 -4.46
N ASN A 242 11.51 -7.81 -3.59
CA ASN A 242 11.53 -6.34 -3.54
C ASN A 242 11.22 -5.76 -4.89
N GLY A 243 10.29 -6.41 -5.58
CA GLY A 243 9.84 -5.95 -6.89
C GLY A 243 10.73 -6.30 -8.07
N GLU A 244 11.89 -6.92 -7.81
CA GLU A 244 12.81 -7.33 -8.87
CA GLU A 244 12.81 -7.33 -8.87
C GLU A 244 12.65 -8.81 -9.18
N LYS A 245 12.61 -9.17 -10.45
CA LYS A 245 12.48 -10.58 -10.82
C LYS A 245 13.81 -11.27 -10.57
N TRP A 246 13.82 -12.25 -9.66
CA TRP A 246 15.04 -12.98 -9.28
C TRP A 246 15.17 -14.31 -9.99
N ALA A 247 14.06 -14.81 -10.51
CA ALA A 247 14.07 -16.06 -11.24
C ALA A 247 12.79 -16.21 -12.02
N GLY A 248 12.87 -16.99 -13.09
CA GLY A 248 11.69 -17.28 -13.86
C GLY A 248 11.74 -18.65 -14.48
N SER A 249 10.56 -19.10 -14.91
CA SER A 249 10.46 -20.32 -15.69
C SER A 249 9.24 -20.26 -16.59
N ASP A 250 9.00 -21.37 -17.31
CA ASP A 250 7.88 -21.46 -18.22
C ASP A 250 7.24 -22.79 -17.94
N TRP A 251 5.94 -22.76 -17.68
CA TRP A 251 5.17 -23.95 -17.38
C TRP A 251 4.05 -24.07 -18.37
N GLY A 252 3.58 -25.30 -18.54
CA GLY A 252 2.49 -25.57 -19.45
C GLY A 252 1.21 -25.93 -18.73
N ILE A 253 1.23 -25.89 -17.39
CA ILE A 253 0.07 -26.37 -16.63
C ILE A 253 -1.12 -25.43 -16.76
N ASP A 254 -2.31 -25.99 -16.67
CA ASP A 254 -3.52 -25.20 -16.79
C ASP A 254 -3.82 -24.47 -15.50
N GLY A 255 -3.20 -24.92 -14.40
CA GLY A 255 -3.45 -24.34 -13.09
C GLY A 255 -3.24 -25.39 -12.01
N PHE A 256 -3.78 -25.12 -10.83
CA PHE A 256 -3.69 -26.09 -9.75
C PHE A 256 -4.87 -25.91 -8.78
N ASP A 257 -5.20 -27.01 -8.12
CA ASP A 257 -6.22 -27.06 -7.09
C ASP A 257 -5.57 -26.82 -5.74
N PRO A 258 -5.76 -25.62 -5.14
CA PRO A 258 -5.08 -25.34 -3.87
C PRO A 258 -5.55 -26.20 -2.71
N ASN A 259 -6.72 -26.80 -2.88
CA ASN A 259 -7.29 -27.60 -1.83
C ASN A 259 -6.88 -29.06 -1.91
N SER A 260 -6.07 -29.43 -2.91
CA SER A 260 -5.73 -30.84 -3.03
CA SER A 260 -5.62 -30.80 -3.09
C SER A 260 -4.81 -31.31 -1.90
N ASP A 261 -4.98 -32.57 -1.57
CA ASP A 261 -4.31 -33.20 -0.44
C ASP A 261 -4.58 -32.50 0.90
N MSE A 262 -3.53 -32.11 1.61
CA MSE A 262 -3.65 -31.42 2.89
C MSE A 262 -4.10 -29.97 2.73
O MSE A 262 -4.45 -29.28 3.71
CB MSE A 262 -2.30 -31.43 3.59
CG MSE A 262 -1.36 -30.30 3.13
SE MSE A 262 -0.57 -30.64 1.38
CE MSE A 262 0.49 -32.19 1.87
H MSE A 262 -2.72 -32.25 1.36
HA MSE A 262 -4.29 -31.89 3.46
HB2 MSE A 262 -2.43 -31.32 4.55
HB3 MSE A 262 -1.85 -32.27 3.42
HG2 MSE A 262 -1.85 -29.48 3.08
HG3 MSE A 262 -0.63 -30.22 3.78
HE1 MSE A 262 0.96 -32.50 1.09
HE2 MSE A 262 1.11 -31.94 2.55
HE3 MSE A 262 -0.10 -32.88 2.19
N GLY A 263 -4.06 -29.49 1.49
CA GLY A 263 -4.55 -28.18 1.18
C GLY A 263 -3.50 -27.14 1.49
N PHE A 264 -3.97 -25.91 1.53
CA PHE A 264 -3.14 -24.74 1.56
C PHE A 264 -2.78 -24.38 3.00
N TYR A 265 -1.51 -24.09 3.21
CA TYR A 265 -1.01 -23.65 4.52
C TYR A 265 -0.14 -22.43 4.40
N ILE A 266 -0.16 -21.62 5.46
CA ILE A 266 0.80 -20.53 5.64
C ILE A 266 1.65 -20.88 6.86
N GLY A 267 2.96 -20.80 6.73
CA GLY A 267 3.87 -20.86 7.87
C GLY A 267 4.31 -22.21 8.38
N ARG A 268 3.55 -23.27 8.12
CA ARG A 268 3.84 -24.60 8.67
C ARG A 268 2.84 -25.55 8.04
N ILE A 269 3.31 -26.71 7.56
CA ILE A 269 2.46 -27.69 6.90
C ILE A 269 2.01 -28.62 8.01
N TYR A 270 0.99 -28.20 8.73
CA TYR A 270 0.62 -28.92 9.96
C TYR A 270 0.22 -30.37 9.66
N GLY A 271 0.82 -31.30 10.39
CA GLY A 271 0.47 -32.71 10.25
C GLY A 271 1.13 -33.43 9.07
N PHE A 272 2.03 -32.78 8.36
CA PHE A 272 2.66 -33.45 7.22
C PHE A 272 3.71 -34.43 7.72
N LYS A 273 3.59 -35.68 7.30
CA LYS A 273 4.43 -36.74 7.84
CA LYS A 273 4.44 -36.74 7.84
C LYS A 273 5.90 -36.64 7.43
N TRP A 274 6.17 -35.95 6.32
CA TRP A 274 7.54 -35.83 5.87
C TRP A 274 8.20 -34.53 6.30
N GLY A 275 7.57 -33.83 7.24
CA GLY A 275 8.19 -32.66 7.84
C GLY A 275 7.27 -31.46 7.75
N GLU A 276 6.98 -30.84 8.88
CA GLU A 276 6.06 -29.70 8.87
C GLU A 276 6.72 -28.41 8.39
N ARG A 277 8.05 -28.37 8.40
CA ARG A 277 8.79 -27.31 7.75
C ARG A 277 8.34 -25.90 8.19
N PRO A 278 8.31 -25.67 9.51
CA PRO A 278 7.85 -24.35 9.97
C PRO A 278 8.77 -23.19 9.60
N PHE A 279 8.14 -22.06 9.31
CA PHE A 279 8.83 -20.81 9.18
C PHE A 279 9.11 -20.24 10.54
N HIS A 280 10.31 -19.65 10.72
CA HIS A 280 10.65 -18.94 11.93
C HIS A 280 10.96 -17.51 11.61
N GLY A 281 10.02 -16.61 11.93
CA GLY A 281 10.15 -15.21 11.57
C GLY A 281 8.82 -14.52 11.62
N LYS A 282 8.72 -13.40 10.95
CA LYS A 282 7.49 -12.62 10.89
C LYS A 282 7.00 -12.49 9.47
N MSE A 283 5.68 -12.35 9.32
CA MSE A 283 5.09 -12.06 8.03
C MSE A 283 4.12 -10.90 8.16
O MSE A 283 3.54 -10.67 9.23
CB MSE A 283 4.31 -13.25 7.45
CG MSE A 283 5.17 -14.51 7.32
SE MSE A 283 4.27 -15.77 6.13
CE MSE A 283 5.08 -17.41 6.78
H MSE A 283 5.12 -12.40 9.96
HA MSE A 283 5.79 -11.82 7.39
HB2 MSE A 283 3.57 -13.46 8.02
HB3 MSE A 283 4.00 -13.02 6.56
HG2 MSE A 283 6.03 -14.28 6.94
HG3 MSE A 283 5.27 -14.91 8.19
HE1 MSE A 283 4.73 -18.14 6.28
HE2 MSE A 283 6.03 -17.35 6.66
HE3 MSE A 283 4.87 -17.51 7.71
N SER A 284 3.90 -10.25 7.05
CA SER A 284 2.96 -9.14 6.94
C SER A 284 2.43 -9.11 5.53
N GLU A 285 1.21 -8.63 5.35
CA GLU A 285 0.67 -8.40 4.01
C GLU A 285 0.75 -9.64 3.13
N VAL A 286 0.24 -10.72 3.69
CA VAL A 286 0.19 -12.02 3.00
C VAL A 286 -1.03 -12.10 2.12
N ARG A 287 -0.83 -12.37 0.83
CA ARG A 287 -1.94 -12.37 -0.14
C ARG A 287 -1.87 -13.49 -1.11
N VAL A 288 -3.05 -13.94 -1.55
CA VAL A 288 -3.14 -14.82 -2.71
C VAL A 288 -4.11 -14.17 -3.67
N TRP A 289 -3.73 -14.11 -4.95
CA TRP A 289 -4.59 -13.54 -5.98
C TRP A 289 -4.88 -14.60 -7.02
N SER A 290 -6.05 -14.49 -7.65
CA SER A 290 -6.41 -15.35 -8.76
C SER A 290 -6.07 -14.74 -10.14
N VAL A 291 -5.09 -13.84 -10.14
CA VAL A 291 -4.49 -13.29 -11.34
C VAL A 291 -2.98 -13.24 -11.16
N ALA A 292 -2.26 -13.11 -12.26
CA ALA A 292 -0.83 -12.84 -12.19
C ALA A 292 -0.66 -11.33 -12.05
N ARG A 293 -0.23 -10.87 -10.88
CA ARG A 293 -0.03 -9.46 -10.69
C ARG A 293 1.20 -9.03 -11.47
N THR A 294 1.12 -7.87 -12.08
CA THR A 294 2.25 -7.38 -12.87
C THR A 294 3.35 -6.91 -11.90
N GLU A 295 4.58 -6.75 -12.43
CA GLU A 295 5.68 -6.20 -11.63
C GLU A 295 5.29 -4.86 -11.02
N ASN A 296 4.65 -4.00 -11.80
CA ASN A 296 4.25 -2.70 -11.31
C ASN A 296 3.22 -2.82 -10.20
N GLN A 297 2.30 -3.77 -10.33
CA GLN A 297 1.30 -3.94 -9.28
C GLN A 297 1.93 -4.46 -8.01
N LEU A 298 2.92 -5.33 -8.14
CA LEU A 298 3.61 -5.83 -6.97
C LEU A 298 4.36 -4.70 -6.28
N LYS A 299 5.10 -3.91 -7.05
CA LYS A 299 5.93 -2.84 -6.50
C LYS A 299 5.12 -1.79 -5.79
N GLN A 300 4.01 -1.38 -6.40
CA GLN A 300 3.29 -0.24 -5.89
C GLN A 300 2.43 -0.57 -4.69
N ASN A 301 2.13 -1.85 -4.48
CA ASN A 301 1.20 -2.24 -3.44
C ASN A 301 1.80 -3.09 -2.32
N MSE A 302 3.13 -3.07 -2.19
CA MSE A 302 3.79 -3.95 -1.22
C MSE A 302 3.27 -3.75 0.21
O MSE A 302 3.14 -4.74 0.96
CB MSE A 302 5.31 -3.72 -1.23
CG MSE A 302 5.97 -4.12 -2.48
SE MSE A 302 7.91 -3.84 -2.33
CE MSE A 302 7.85 -1.95 -1.70
H MSE A 302 3.67 -2.59 -2.65
HA MSE A 302 3.63 -4.88 -1.47
HB2 MSE A 302 5.50 -2.77 -1.09
HB3 MSE A 302 5.72 -4.24 -0.51
HG2 MSE A 302 5.80 -5.07 -2.66
HG3 MSE A 302 5.63 -3.58 -3.22
HE1 MSE A 302 8.75 -1.63 -1.57
HE2 MSE A 302 7.43 -1.41 -2.37
HE3 MSE A 302 7.37 -1.90 -0.88
N LEU A 303 2.94 -2.51 0.59
CA LEU A 303 2.56 -2.22 1.98
C LEU A 303 1.08 -2.27 2.27
N GLY A 304 0.25 -2.36 1.24
CA GLY A 304 -1.19 -2.37 1.46
C GLY A 304 -1.99 -2.38 0.18
N VAL A 305 -3.15 -3.03 0.23
CA VAL A 305 -4.09 -3.01 -0.88
CA VAL A 305 -4.11 -3.00 -0.86
C VAL A 305 -5.50 -2.97 -0.30
N ASP A 306 -6.48 -2.57 -1.13
CA ASP A 306 -7.86 -2.54 -0.69
C ASP A 306 -8.31 -4.00 -0.55
N PRO A 307 -8.83 -4.37 0.63
CA PRO A 307 -9.27 -5.77 0.76
C PRO A 307 -10.49 -6.14 -0.08
N ALA A 308 -11.17 -5.15 -0.63
CA ALA A 308 -12.28 -5.36 -1.56
C ALA A 308 -11.84 -5.66 -2.99
N SER A 309 -10.54 -5.71 -3.25
CA SER A 309 -10.04 -5.78 -4.62
C SER A 309 -10.49 -7.03 -5.37
N GLU A 310 -10.93 -6.85 -6.60
CA GLU A 310 -11.23 -7.95 -7.48
C GLU A 310 -9.98 -8.78 -7.70
N GLY A 311 -10.12 -10.09 -7.58
CA GLY A 311 -9.01 -11.00 -7.77
C GLY A 311 -8.23 -11.37 -6.52
N LEU A 312 -8.54 -10.72 -5.40
CA LEU A 312 -7.85 -10.97 -4.16
C LEU A 312 -8.59 -12.09 -3.42
N ALA A 313 -7.96 -13.25 -3.39
CA ALA A 313 -8.61 -14.45 -2.84
C ALA A 313 -8.36 -14.65 -1.34
N LEU A 314 -7.29 -14.04 -0.83
CA LEU A 314 -6.91 -14.18 0.56
CA LEU A 314 -6.93 -14.18 0.56
C LEU A 314 -6.04 -13.01 0.93
N TYR A 315 -6.26 -12.44 2.10
CA TYR A 315 -5.45 -11.30 2.57
C TYR A 315 -5.34 -11.31 4.06
N TYR A 316 -4.12 -11.52 4.58
CA TYR A 316 -3.86 -11.34 5.98
C TYR A 316 -2.84 -10.23 6.15
N LYS A 317 -3.27 -9.12 6.73
CA LYS A 317 -2.34 -8.02 7.02
C LYS A 317 -1.38 -8.43 8.15
N LEU A 318 -1.91 -9.12 9.14
CA LEU A 318 -1.19 -9.50 10.37
C LEU A 318 -0.65 -8.28 11.14
N ASP A 319 -1.47 -7.25 11.22
CA ASP A 319 -1.15 -6.04 11.95
C ASP A 319 -2.04 -5.85 13.16
N GLY A 320 -2.82 -6.88 13.49
CA GLY A 320 -3.76 -6.80 14.60
C GLY A 320 -5.18 -6.52 14.17
N SER A 321 -5.38 -6.13 12.92
CA SER A 321 -6.73 -5.79 12.47
C SER A 321 -7.59 -7.01 12.11
N GLU A 322 -7.01 -8.20 12.01
CA GLU A 322 -7.83 -9.40 11.80
C GLU A 322 -8.37 -9.95 13.10
N THR A 323 -9.59 -10.41 13.02
CA THR A 323 -10.23 -11.10 14.11
C THR A 323 -9.69 -12.50 14.26
N GLN A 324 -9.18 -12.81 15.45
CA GLN A 324 -8.85 -14.16 15.87
C GLN A 324 -9.74 -14.55 17.02
N GLU A 325 -10.45 -15.67 16.87
CA GLU A 325 -11.25 -16.23 17.95
CA GLU A 325 -11.32 -16.19 17.93
C GLU A 325 -11.56 -17.67 17.63
N GLY A 326 -11.60 -18.51 18.66
CA GLY A 326 -12.05 -19.89 18.52
C GLY A 326 -11.27 -20.84 17.63
N GLY A 327 -10.01 -20.53 17.42
CA GLY A 327 -9.14 -21.29 16.55
C GLY A 327 -9.12 -20.78 15.11
N VAL A 328 -9.83 -19.69 14.85
CA VAL A 328 -9.97 -19.15 13.50
C VAL A 328 -9.28 -17.79 13.42
N ILE A 329 -8.66 -17.51 12.28
CA ILE A 329 -8.21 -16.15 11.95
C ILE A 329 -8.93 -15.76 10.66
N LYS A 330 -9.76 -14.73 10.75
CA LYS A 330 -10.58 -14.31 9.63
CA LYS A 330 -10.58 -14.31 9.62
C LYS A 330 -9.81 -13.32 8.78
N ASP A 331 -9.72 -13.60 7.48
CA ASP A 331 -8.93 -12.74 6.62
C ASP A 331 -9.65 -11.42 6.34
N ALA A 332 -8.90 -10.50 5.75
CA ALA A 332 -9.35 -9.14 5.48
C ALA A 332 -10.39 -9.03 4.38
N THR A 333 -10.40 -9.96 3.44
CA THR A 333 -11.44 -9.95 2.40
C THR A 333 -12.80 -10.34 2.92
N GLY A 334 -12.82 -10.99 4.08
CA GLY A 334 -14.07 -11.55 4.57
C GLY A 334 -14.42 -12.88 3.93
N ARG A 335 -13.53 -13.41 3.09
CA ARG A 335 -13.85 -14.63 2.34
C ARG A 335 -13.34 -15.91 3.00
N ILE A 336 -12.31 -15.78 3.81
CA ILE A 336 -11.56 -16.93 4.34
C ILE A 336 -11.54 -16.96 5.85
N ASN A 337 -11.97 -18.07 6.42
CA ASN A 337 -11.78 -18.31 7.86
C ASN A 337 -10.71 -19.35 8.03
N GLY A 338 -9.48 -18.92 8.29
CA GLY A 338 -8.35 -19.83 8.40
C GLY A 338 -8.26 -20.43 9.78
N THR A 339 -7.87 -21.69 9.86
CA THR A 339 -7.71 -22.36 11.15
C THR A 339 -6.27 -22.18 11.57
N THR A 340 -6.05 -21.83 12.82
CA THR A 340 -4.70 -21.50 13.28
C THR A 340 -4.50 -21.84 14.74
N ASN A 341 -3.24 -22.08 15.11
CA ASN A 341 -2.88 -22.17 16.51
C ASN A 341 -2.59 -20.82 17.16
N GLY A 342 -2.79 -19.75 16.39
CA GLY A 342 -2.78 -18.39 16.93
C GLY A 342 -1.56 -17.62 16.46
N ILE A 343 -1.80 -16.50 15.82
CA ILE A 343 -0.72 -15.68 15.30
C ILE A 343 -0.57 -14.48 16.21
N THR A 344 0.46 -14.49 17.06
CA THR A 344 0.72 -13.37 17.94
C THR A 344 1.22 -12.19 17.12
N ILE A 345 0.61 -11.04 17.32
CA ILE A 345 0.97 -9.81 16.61
C ILE A 345 2.03 -9.06 17.40
N LYS A 346 3.22 -8.94 16.81
CA LYS A 346 4.36 -8.31 17.42
C LYS A 346 4.47 -6.86 16.97
N THR A 347 4.98 -6.02 17.86
CA THR A 347 5.24 -4.61 17.60
C THR A 347 6.69 -4.47 17.22
N LEU A 348 6.92 -3.92 16.03
CA LEU A 348 8.26 -3.84 15.51
C LEU A 348 9.05 -2.69 16.09
N ASP A 349 10.38 -2.84 16.07
CA ASP A 349 11.29 -1.80 16.58
C ASP A 349 11.24 -0.55 15.71
N ALA A 350 10.94 -0.74 14.44
CA ALA A 350 10.83 0.36 13.50
C ALA A 350 9.86 -0.06 12.42
N PRO A 351 9.29 0.91 11.67
CA PRO A 351 8.40 0.54 10.56
C PRO A 351 9.12 -0.32 9.55
N ILE A 352 8.37 -1.19 8.89
CA ILE A 352 8.94 -2.07 7.89
C ILE A 352 9.68 -1.25 6.82
N ALA A 353 10.92 -1.63 6.58
CA ALA A 353 11.77 -1.01 5.56
C ALA A 353 12.46 -2.14 4.82
N ILE A 354 12.46 -2.09 3.49
CA ILE A 354 13.12 -3.13 2.72
C ILE A 354 14.46 -2.68 2.17
N ASN A 355 14.81 -1.42 2.43
CA ASN A 355 16.16 -0.92 2.15
C ASN A 355 16.66 -0.14 3.36
#